data_2BL9
#
_entry.id   2BL9
#
_cell.length_a   134.280
_cell.length_b   55.740
_cell.length_c   45.720
_cell.angle_alpha   90.00
_cell.angle_beta   107.09
_cell.angle_gamma   90.00
#
_symmetry.space_group_name_H-M   'C 1 2 1'
#
loop_
_entity.id
_entity.type
_entity.pdbx_description
1 polymer 'DIHYDROFOLATE REDUCTASE-THYMIDYLATE SYNTHASE'
2 non-polymer 'NADPH DIHYDRO-NICOTINAMIDE-ADENINE-DINUCLEOTIDE PHOSPHATE'
3 non-polymer 5-(4-CHLORO-PHENYL)-6-ETHYL-PYRIMIDINE-2,4-DIAMINE
4 water water
#
_entity_poly.entity_id   1
_entity_poly.type   'polypeptide(L)'
_entity_poly.pdbx_seq_one_letter_code
;MENLSDVFDIYAICACCKVAPTSAGTKNEPFSPRTFRGLGNKGTLPWKCNSVDMKYFSSVTTYVDESKYEKLKWKRERYL
RMEASQGGGDNTSGGDNTHGGDNADKLQNVVVMGRSSWESIPKQYKPLPNRINVVLSKTLTKEDVKEKVFIIDSIDDLLL
LLKKLKYYKCFIIGGAQVYRECLSRNLIKQIYFTRINGAYPCDVFFPEFDESEFRVTSVSEVYNSKGTTLDFLVYSKV
;
_entity_poly.pdbx_strand_id   A
#
loop_
_chem_comp.id
_chem_comp.type
_chem_comp.name
_chem_comp.formula
CP6 non-polymer 5-(4-CHLORO-PHENYL)-6-ETHYL-PYRIMIDINE-2,4-DIAMINE 'C12 H13 Cl N4'
NDP non-polymer 'NADPH DIHYDRO-NICOTINAMIDE-ADENINE-DINUCLEOTIDE PHOSPHATE' 'C21 H30 N7 O17 P3'
#
# COMPACT_ATOMS: atom_id res chain seq x y z
N GLU A 2 10.42 6.25 -20.09
CA GLU A 2 10.20 4.97 -19.37
C GLU A 2 9.23 5.11 -18.18
N ASN A 3 8.59 4.00 -17.80
CA ASN A 3 7.66 4.01 -16.67
C ASN A 3 8.36 3.46 -15.42
N LEU A 4 8.68 4.33 -14.46
CA LEU A 4 9.35 3.91 -13.24
C LEU A 4 8.50 2.93 -12.41
N SER A 5 7.20 3.13 -12.35
CA SER A 5 6.38 2.22 -11.56
C SER A 5 6.53 0.80 -12.13
N ASP A 6 6.76 0.69 -13.44
CA ASP A 6 6.96 -0.63 -14.04
C ASP A 6 8.38 -1.18 -13.78
N VAL A 7 9.40 -0.38 -14.10
CA VAL A 7 10.77 -0.80 -13.87
C VAL A 7 11.02 -1.23 -12.41
N PHE A 8 10.51 -0.48 -11.44
CA PHE A 8 10.75 -0.86 -10.06
C PHE A 8 9.60 -1.55 -9.33
N ASP A 9 8.64 -2.02 -10.13
CA ASP A 9 7.49 -2.77 -9.64
C ASP A 9 6.88 -2.20 -8.35
N ILE A 10 6.42 -0.98 -8.48
CA ILE A 10 5.81 -0.28 -7.36
C ILE A 10 4.30 -0.52 -7.41
N TYR A 11 3.83 -1.23 -6.39
CA TYR A 11 2.41 -1.57 -6.27
C TYR A 11 1.82 -0.98 -4.99
N ALA A 12 0.53 -0.70 -4.98
CA ALA A 12 -0.13 -0.25 -3.77
C ALA A 12 -1.10 -1.35 -3.30
N ILE A 13 -1.23 -1.49 -2.00
CA ILE A 13 -2.17 -2.45 -1.43
C ILE A 13 -2.87 -1.71 -0.29
N CYS A 14 -4.18 -1.84 -0.26
CA CYS A 14 -4.97 -1.18 0.77
C CYS A 14 -6.24 -1.97 0.95
N ALA A 15 -7.03 -1.54 1.91
CA ALA A 15 -8.30 -2.13 2.22
C ALA A 15 -9.20 -0.95 2.54
N CYS A 16 -10.37 -0.89 1.92
CA CYS A 16 -11.30 0.20 2.20
C CYS A 16 -12.68 -0.39 2.47
N CYS A 17 -13.36 0.22 3.44
CA CYS A 17 -14.70 -0.16 3.87
C CYS A 17 -15.65 0.99 3.45
N LYS A 18 -16.93 0.83 3.80
CA LYS A 18 -17.94 1.85 3.50
C LYS A 18 -17.85 2.83 4.64
N VAL A 19 -18.25 4.08 4.41
CA VAL A 19 -18.17 5.12 5.42
C VAL A 19 -19.48 5.28 6.20
N ALA A 20 -19.36 5.41 7.53
CA ALA A 20 -20.54 5.56 8.39
C ALA A 20 -21.03 6.97 8.36
N PRO A 21 -22.31 7.14 8.05
CA PRO A 21 -22.86 8.49 7.99
C PRO A 21 -22.73 9.28 9.28
N THR A 22 -22.98 10.59 9.17
CA THR A 22 -22.98 11.49 10.33
C THR A 22 -24.22 12.41 10.21
N SER A 23 -24.84 12.69 11.36
CA SER A 23 -26.05 13.51 11.46
C SER A 23 -25.71 15.01 11.59
N ALA A 24 -24.43 15.25 11.85
CA ALA A 24 -23.91 16.59 12.00
C ALA A 24 -22.69 16.74 11.08
N GLY A 25 -22.29 17.99 10.80
CA GLY A 25 -21.14 18.27 9.93
C GLY A 25 -21.48 18.30 8.44
N THR A 26 -20.55 18.82 7.63
CA THR A 26 -20.71 18.95 6.16
C THR A 26 -19.98 17.84 5.37
N LYS A 27 -19.55 16.81 6.10
CA LYS A 27 -18.78 15.70 5.55
C LYS A 27 -19.57 14.43 5.28
N ASN A 28 -20.88 14.47 5.48
CA ASN A 28 -21.68 13.29 5.21
C ASN A 28 -21.87 13.26 3.70
N GLU A 29 -21.57 12.08 3.13
CA GLU A 29 -21.65 11.81 1.69
C GLU A 29 -22.45 10.57 1.45
N PRO A 30 -23.73 10.60 1.84
CA PRO A 30 -24.58 9.42 1.64
C PRO A 30 -24.65 9.00 0.17
N PHE A 31 -24.26 9.89 -0.75
CA PHE A 31 -24.35 9.53 -2.17
C PHE A 31 -23.01 9.45 -2.91
N SER A 32 -21.93 9.32 -2.15
CA SER A 32 -20.60 9.21 -2.72
C SER A 32 -20.50 8.22 -3.88
N PRO A 33 -19.87 8.65 -4.97
CA PRO A 33 -19.69 7.82 -6.17
C PRO A 33 -18.72 6.65 -5.93
N ARG A 34 -17.99 6.71 -4.81
CA ARG A 34 -17.04 5.64 -4.46
C ARG A 34 -17.42 5.09 -3.10
N THR A 35 -18.18 4.01 -3.15
CA THR A 35 -18.66 3.31 -1.95
C THR A 35 -17.55 2.91 -0.99
N PHE A 36 -16.58 2.16 -1.48
CA PHE A 36 -15.50 1.69 -0.63
C PHE A 36 -14.33 2.67 -0.64
N ARG A 37 -14.36 3.65 0.24
CA ARG A 37 -13.29 4.66 0.28
C ARG A 37 -12.71 4.91 1.69
N GLY A 38 -13.20 4.18 2.69
CA GLY A 38 -12.75 4.37 4.06
C GLY A 38 -11.46 3.62 4.37
N LEU A 39 -10.45 4.37 4.78
CA LEU A 39 -9.12 3.83 5.10
C LEU A 39 -8.77 3.81 6.59
N GLY A 40 -9.10 4.87 7.31
CA GLY A 40 -8.75 4.89 8.72
C GLY A 40 -9.64 5.79 9.54
N ASN A 41 -9.52 5.65 10.86
CA ASN A 41 -10.30 6.44 11.80
C ASN A 41 -9.53 6.65 13.09
N LYS A 42 -9.30 7.91 13.43
CA LYS A 42 -8.60 8.26 14.66
C LYS A 42 -7.25 7.55 14.76
N GLY A 43 -6.54 7.49 13.63
CA GLY A 43 -5.24 6.84 13.65
C GLY A 43 -5.22 5.34 13.60
N THR A 44 -6.36 4.64 13.65
CA THR A 44 -6.31 3.19 13.56
C THR A 44 -7.22 2.74 12.40
N LEU A 45 -7.39 1.43 12.20
CA LEU A 45 -8.25 0.95 11.10
C LEU A 45 -9.69 1.15 11.55
N PRO A 46 -10.60 1.43 10.60
CA PRO A 46 -12.00 1.65 10.99
C PRO A 46 -12.68 0.42 11.58
N TRP A 47 -12.25 -0.75 11.14
CA TRP A 47 -12.86 -1.98 11.60
C TRP A 47 -12.01 -2.73 12.61
N LYS A 48 -12.61 -3.77 13.15
CA LYS A 48 -11.94 -4.61 14.13
C LYS A 48 -11.16 -5.68 13.36
N CYS A 49 -10.09 -6.16 13.98
CA CYS A 49 -9.24 -7.17 13.39
C CYS A 49 -9.96 -8.04 12.35
N ASN A 50 -9.57 -7.92 11.09
CA ASN A 50 -10.18 -8.75 10.02
C ASN A 50 -9.05 -9.70 9.70
N SER A 51 -9.16 -10.93 10.19
CA SER A 51 -8.08 -11.89 10.01
C SER A 51 -7.96 -12.33 8.57
N VAL A 52 -9.08 -12.28 7.86
CA VAL A 52 -9.08 -12.68 6.48
C VAL A 52 -8.25 -11.69 5.63
N ASP A 53 -8.48 -10.39 5.78
CA ASP A 53 -7.70 -9.41 5.02
C ASP A 53 -6.25 -9.40 5.51
N MET A 54 -6.08 -9.58 6.81
CA MET A 54 -4.76 -9.63 7.43
C MET A 54 -3.91 -10.74 6.79
N LYS A 55 -4.49 -11.92 6.64
CA LYS A 55 -3.75 -13.04 6.06
C LYS A 55 -3.45 -12.71 4.60
N TYR A 56 -4.46 -12.23 3.91
CA TYR A 56 -4.27 -11.86 2.51
C TYR A 56 -3.12 -10.85 2.41
N PHE A 57 -3.21 -9.75 3.15
CA PHE A 57 -2.17 -8.73 3.11
C PHE A 57 -0.77 -9.32 3.33
N SER A 58 -0.65 -10.16 4.36
CA SER A 58 0.62 -10.81 4.69
C SER A 58 1.19 -11.68 3.56
N SER A 59 0.31 -12.40 2.88
CA SER A 59 0.73 -13.28 1.77
C SER A 59 1.22 -12.47 0.55
N VAL A 60 0.41 -11.52 0.12
CA VAL A 60 0.76 -10.66 -1.01
C VAL A 60 2.11 -9.95 -0.78
N THR A 61 2.21 -9.26 0.35
CA THR A 61 3.41 -8.50 0.63
C THR A 61 4.64 -9.30 0.96
N THR A 62 4.48 -10.59 1.27
CA THR A 62 5.61 -11.42 1.64
C THR A 62 6.08 -12.36 0.53
N TYR A 63 5.15 -12.81 -0.30
CA TYR A 63 5.50 -13.74 -1.37
C TYR A 63 6.49 -13.23 -2.41
N VAL A 64 7.53 -14.02 -2.63
CA VAL A 64 8.58 -13.75 -3.60
C VAL A 64 8.79 -15.01 -4.49
N ASP A 65 9.10 -14.82 -5.77
CA ASP A 65 9.37 -15.96 -6.68
C ASP A 65 10.77 -15.75 -7.21
N GLU A 66 11.72 -16.52 -6.68
CA GLU A 66 13.14 -16.45 -7.03
C GLU A 66 13.37 -16.54 -8.53
N SER A 67 12.62 -17.44 -9.18
CA SER A 67 12.76 -17.70 -10.62
C SER A 67 12.44 -16.50 -11.50
N LYS A 68 11.61 -15.58 -10.99
CA LYS A 68 11.22 -14.43 -11.76
C LYS A 68 12.04 -13.20 -11.46
N TYR A 69 13.01 -13.34 -10.57
CA TYR A 69 13.83 -12.21 -10.23
C TYR A 69 14.82 -11.77 -11.31
N GLU A 70 15.51 -12.72 -11.93
CA GLU A 70 16.49 -12.38 -12.98
C GLU A 70 15.87 -11.47 -14.03
N LYS A 71 14.66 -11.79 -14.44
CA LYS A 71 14.04 -10.95 -15.42
C LYS A 71 13.90 -9.53 -14.86
N LEU A 72 13.55 -9.41 -13.58
CA LEU A 72 13.43 -8.07 -12.99
C LEU A 72 14.81 -7.45 -12.88
N LYS A 73 15.80 -8.27 -12.53
CA LYS A 73 17.15 -7.75 -12.39
C LYS A 73 17.60 -7.11 -13.71
N TRP A 74 17.39 -7.81 -14.82
CA TRP A 74 17.79 -7.31 -16.12
C TRP A 74 17.07 -6.03 -16.50
N LYS A 75 15.75 -6.06 -16.34
CA LYS A 75 14.92 -4.91 -16.65
C LYS A 75 15.44 -3.67 -15.93
N ARG A 76 15.92 -3.87 -14.72
CA ARG A 76 16.43 -2.76 -13.94
C ARG A 76 17.85 -2.40 -14.32
N GLU A 77 18.70 -3.39 -14.52
CA GLU A 77 20.09 -3.11 -14.92
C GLU A 77 20.08 -2.32 -16.22
N ARG A 78 19.16 -2.67 -17.10
CA ARG A 78 19.04 -2.00 -18.38
C ARG A 78 18.65 -0.53 -18.19
N TYR A 79 17.56 -0.31 -17.46
CA TYR A 79 17.09 1.04 -17.20
C TYR A 79 18.22 1.86 -16.57
N LEU A 80 18.95 1.27 -15.63
CA LEU A 80 20.02 1.97 -14.97
C LEU A 80 21.19 2.21 -15.90
N ARG A 81 21.34 1.33 -16.88
CA ARG A 81 22.44 1.47 -17.84
C ARG A 81 22.13 2.70 -18.68
N MET A 82 20.97 2.66 -19.34
CA MET A 82 20.53 3.74 -20.21
C MET A 82 20.46 5.06 -19.45
N GLU A 83 20.05 4.98 -18.18
CA GLU A 83 19.95 6.18 -17.35
C GLU A 83 21.33 6.80 -17.22
N ALA A 84 22.35 5.96 -17.34
CA ALA A 84 23.75 6.41 -17.24
C ALA A 84 24.46 6.47 -18.59
N LYS A 106 18.66 -13.19 1.22
CA LYS A 106 17.37 -13.80 0.83
C LYS A 106 16.52 -12.76 0.12
N LEU A 107 15.96 -13.11 -1.04
CA LEU A 107 15.15 -12.17 -1.79
C LEU A 107 13.87 -11.82 -1.04
N GLN A 108 13.61 -10.51 -0.90
CA GLN A 108 12.40 -10.05 -0.22
C GLN A 108 11.78 -8.87 -0.99
N ASN A 109 10.51 -8.61 -0.69
CA ASN A 109 9.78 -7.49 -1.25
C ASN A 109 10.04 -6.34 -0.28
N VAL A 110 9.77 -5.13 -0.74
CA VAL A 110 9.92 -3.95 0.08
C VAL A 110 8.50 -3.54 0.48
N VAL A 111 8.32 -3.04 1.69
CA VAL A 111 7.02 -2.50 2.07
C VAL A 111 7.33 -1.07 2.54
N VAL A 112 6.57 -0.12 1.99
CA VAL A 112 6.72 1.32 2.27
C VAL A 112 5.47 1.88 2.94
N MET A 113 5.67 2.60 4.03
CA MET A 113 4.58 3.22 4.77
C MET A 113 4.89 4.60 5.37
N GLY A 114 3.83 5.42 5.53
CA GLY A 114 4.02 6.75 6.13
C GLY A 114 4.26 6.57 7.63
N ARG A 115 4.66 7.64 8.30
CA ARG A 115 4.94 7.57 9.72
C ARG A 115 3.77 7.21 10.57
N SER A 116 2.64 7.83 10.31
CA SER A 116 1.46 7.51 11.12
C SER A 116 1.12 6.05 11.02
N SER A 117 1.27 5.47 9.83
CA SER A 117 0.96 4.05 9.70
C SER A 117 1.89 3.18 10.54
N TRP A 118 3.19 3.50 10.46
CA TRP A 118 4.22 2.79 11.21
C TRP A 118 3.91 2.91 12.69
N GLU A 119 3.58 4.11 13.15
CA GLU A 119 3.28 4.33 14.56
C GLU A 119 1.99 3.63 14.99
N SER A 120 1.09 3.39 14.06
CA SER A 120 -0.14 2.72 14.41
C SER A 120 0.10 1.21 14.56
N ILE A 121 1.25 0.72 14.17
CA ILE A 121 1.44 -0.73 14.33
C ILE A 121 2.06 -1.03 15.71
N PRO A 122 1.44 -1.95 16.49
CA PRO A 122 1.94 -2.33 17.81
C PRO A 122 3.37 -2.82 17.72
N LYS A 123 4.22 -2.34 18.61
CA LYS A 123 5.63 -2.70 18.62
C LYS A 123 5.95 -4.15 18.29
N GLN A 124 5.24 -5.07 18.93
CA GLN A 124 5.51 -6.48 18.71
C GLN A 124 5.42 -6.94 17.26
N TYR A 125 4.72 -6.20 16.42
CA TYR A 125 4.58 -6.62 15.03
C TYR A 125 5.47 -5.86 14.06
N LYS A 126 6.34 -5.00 14.58
CA LYS A 126 7.26 -4.21 13.75
C LYS A 126 8.70 -4.62 14.06
N PRO A 127 9.55 -4.67 13.04
CA PRO A 127 9.16 -4.39 11.66
C PRO A 127 8.52 -5.61 11.09
N LEU A 128 7.73 -5.43 10.02
CA LEU A 128 7.04 -6.57 9.41
C LEU A 128 8.11 -7.55 8.96
N PRO A 129 8.10 -8.77 9.51
CA PRO A 129 9.10 -9.78 9.15
C PRO A 129 9.05 -10.28 7.68
N ASN A 130 10.24 -10.62 7.17
CA ASN A 130 10.41 -11.14 5.82
C ASN A 130 10.23 -10.16 4.66
N ARG A 131 10.12 -8.88 5.00
CA ARG A 131 10.02 -7.81 4.03
C ARG A 131 11.00 -6.71 4.50
N ILE A 132 11.55 -5.97 3.54
CA ILE A 132 12.46 -4.86 3.80
C ILE A 132 11.53 -3.71 4.12
N ASN A 133 11.61 -3.17 5.34
CA ASN A 133 10.71 -2.09 5.76
C ASN A 133 11.24 -0.70 5.48
N VAL A 134 10.36 0.16 5.00
CA VAL A 134 10.71 1.54 4.68
C VAL A 134 9.66 2.45 5.26
N VAL A 135 10.08 3.43 6.03
CA VAL A 135 9.10 4.37 6.58
C VAL A 135 9.44 5.74 6.03
N LEU A 136 8.42 6.42 5.49
CA LEU A 136 8.59 7.77 4.96
C LEU A 136 8.30 8.75 6.10
N SER A 137 9.28 9.61 6.37
CA SER A 137 9.16 10.61 7.43
C SER A 137 10.29 11.61 7.37
N LYS A 138 9.96 12.87 7.65
CA LYS A 138 10.98 13.93 7.68
C LYS A 138 11.34 14.28 9.14
N THR A 139 10.85 13.49 10.09
CA THR A 139 11.10 13.76 11.50
C THR A 139 11.71 12.57 12.28
N LEU A 140 11.38 11.34 11.89
CA LEU A 140 11.94 10.20 12.59
C LEU A 140 13.45 10.12 12.37
N THR A 141 14.17 9.61 13.37
CA THR A 141 15.62 9.46 13.33
C THR A 141 16.01 8.04 13.69
N LYS A 142 17.15 7.59 13.17
CA LYS A 142 17.62 6.24 13.50
C LYS A 142 17.83 6.09 15.01
N GLU A 143 18.00 7.23 15.71
CA GLU A 143 18.23 7.20 17.14
C GLU A 143 17.06 6.64 17.93
N ASP A 144 15.86 7.12 17.61
CA ASP A 144 14.69 6.67 18.34
C ASP A 144 13.99 5.47 17.74
N VAL A 145 14.28 5.18 16.48
CA VAL A 145 13.70 4.03 15.80
C VAL A 145 14.70 2.89 15.80
N LYS A 146 14.58 2.00 16.78
CA LYS A 146 15.50 0.87 16.92
C LYS A 146 15.22 -0.28 15.95
N GLU A 147 13.98 -0.39 15.48
CA GLU A 147 13.66 -1.48 14.56
C GLU A 147 14.48 -1.37 13.28
N LYS A 148 14.67 -2.50 12.60
CA LYS A 148 15.40 -2.53 11.34
C LYS A 148 14.49 -2.00 10.23
N VAL A 149 14.66 -0.74 9.89
CA VAL A 149 13.84 -0.14 8.85
C VAL A 149 14.62 1.03 8.27
N PHE A 150 14.39 1.29 6.98
CA PHE A 150 15.04 2.42 6.30
C PHE A 150 14.11 3.61 6.50
N ILE A 151 14.64 4.72 6.97
CA ILE A 151 13.82 5.90 7.14
C ILE A 151 14.13 6.73 5.89
N ILE A 152 13.09 7.08 5.15
CA ILE A 152 13.21 7.81 3.88
C ILE A 152 12.54 9.16 4.01
N ASP A 153 13.26 10.16 3.53
CA ASP A 153 12.82 11.53 3.62
C ASP A 153 11.84 11.98 2.55
N SER A 154 11.74 11.22 1.46
CA SER A 154 10.84 11.60 0.36
C SER A 154 10.72 10.53 -0.73
N ILE A 155 9.72 10.67 -1.59
CA ILE A 155 9.50 9.71 -2.68
C ILE A 155 10.75 9.69 -3.53
N ASP A 156 11.31 10.88 -3.76
CA ASP A 156 12.51 11.01 -4.54
C ASP A 156 13.58 10.10 -3.95
N ASP A 157 13.74 10.13 -2.63
CA ASP A 157 14.75 9.31 -1.95
C ASP A 157 14.38 7.85 -1.97
N LEU A 158 13.07 7.60 -2.08
CA LEU A 158 12.59 6.23 -2.14
C LEU A 158 13.11 5.62 -3.42
N LEU A 159 12.96 6.37 -4.51
CA LEU A 159 13.42 5.91 -5.82
C LEU A 159 14.95 5.72 -5.78
N LEU A 160 15.65 6.62 -5.10
CA LEU A 160 17.09 6.46 -4.96
C LEU A 160 17.38 5.16 -4.24
N LEU A 161 16.59 4.84 -3.21
CA LEU A 161 16.83 3.59 -2.49
C LEU A 161 16.57 2.34 -3.38
N LEU A 162 15.43 2.30 -4.06
CA LEU A 162 15.12 1.14 -4.89
C LEU A 162 16.16 0.91 -5.99
N LYS A 163 16.76 1.98 -6.48
CA LYS A 163 17.76 1.85 -7.55
C LYS A 163 19.02 1.14 -7.08
N LYS A 164 19.26 1.10 -5.77
CA LYS A 164 20.45 0.46 -5.29
C LYS A 164 20.10 -0.59 -4.27
N LEU A 165 18.99 -1.27 -4.49
CA LEU A 165 18.55 -2.27 -3.55
C LEU A 165 18.06 -3.52 -4.30
N LYS A 166 18.41 -4.69 -3.79
CA LYS A 166 17.96 -5.91 -4.40
C LYS A 166 16.66 -6.28 -3.67
N TYR A 167 15.59 -6.42 -4.45
CA TYR A 167 14.29 -6.76 -3.93
C TYR A 167 13.45 -7.31 -5.06
N TYR A 168 12.31 -7.89 -4.71
CA TYR A 168 11.40 -8.45 -5.70
C TYR A 168 10.41 -7.35 -6.11
N LYS A 169 9.37 -7.10 -5.31
CA LYS A 169 8.40 -6.05 -5.63
C LYS A 169 8.40 -5.04 -4.49
N CYS A 170 7.94 -3.82 -4.77
CA CYS A 170 7.87 -2.76 -3.78
C CYS A 170 6.41 -2.43 -3.51
N PHE A 171 5.95 -2.70 -2.29
CA PHE A 171 4.55 -2.45 -1.94
C PHE A 171 4.39 -1.20 -1.09
N ILE A 172 3.51 -0.30 -1.53
CA ILE A 172 3.18 0.94 -0.81
C ILE A 172 2.00 0.50 0.03
N ILE A 173 2.16 0.48 1.34
CA ILE A 173 1.10 0.00 2.20
C ILE A 173 0.32 1.05 3.00
N GLY A 174 0.56 2.32 2.72
CA GLY A 174 -0.21 3.35 3.41
C GLY A 174 0.65 4.47 3.93
N GLY A 175 0.04 5.57 4.38
CA GLY A 175 -1.42 5.68 4.39
C GLY A 175 -1.95 6.55 3.27
N ALA A 176 -3.07 7.25 3.48
CA ALA A 176 -3.66 8.11 2.46
C ALA A 176 -2.66 9.08 1.84
N GLN A 177 -1.92 9.82 2.66
CA GLN A 177 -0.97 10.79 2.11
C GLN A 177 -0.01 10.12 1.16
N VAL A 178 0.48 8.94 1.55
CA VAL A 178 1.44 8.22 0.73
C VAL A 178 0.81 7.69 -0.56
N TYR A 179 -0.42 7.23 -0.46
CA TYR A 179 -1.07 6.75 -1.68
C TYR A 179 -1.26 7.92 -2.64
N ARG A 180 -1.67 9.06 -2.10
CA ARG A 180 -1.91 10.25 -2.91
C ARG A 180 -0.65 10.69 -3.69
N GLU A 181 0.45 10.86 -2.97
CA GLU A 181 1.71 11.28 -3.57
C GLU A 181 2.10 10.32 -4.71
N CYS A 182 2.06 9.02 -4.46
CA CYS A 182 2.43 8.03 -5.48
C CYS A 182 1.49 7.97 -6.70
N LEU A 183 0.19 8.00 -6.46
CA LEU A 183 -0.76 7.98 -7.57
C LEU A 183 -0.60 9.30 -8.33
N SER A 184 -0.51 10.39 -7.59
CA SER A 184 -0.38 11.69 -8.19
C SER A 184 0.85 11.76 -9.12
N ARG A 185 1.93 11.05 -8.79
CA ARG A 185 3.15 11.02 -9.61
C ARG A 185 3.13 9.86 -10.59
N ASN A 186 1.98 9.20 -10.73
CA ASN A 186 1.90 8.08 -11.64
C ASN A 186 2.99 7.02 -11.39
N LEU A 187 3.24 6.77 -10.11
CA LEU A 187 4.23 5.78 -9.67
C LEU A 187 3.61 4.48 -9.15
N ILE A 188 2.36 4.20 -9.52
CA ILE A 188 1.70 2.95 -9.08
C ILE A 188 1.36 2.11 -10.32
N LYS A 189 1.91 0.90 -10.37
CA LYS A 189 1.71 -0.02 -11.48
C LYS A 189 0.47 -0.90 -11.29
N GLN A 190 0.23 -1.31 -10.04
CA GLN A 190 -0.90 -2.14 -9.68
C GLN A 190 -1.44 -1.75 -8.32
N ILE A 191 -2.75 -1.90 -8.18
CA ILE A 191 -3.42 -1.60 -6.93
C ILE A 191 -4.15 -2.85 -6.49
N TYR A 192 -3.76 -3.32 -5.31
CA TYR A 192 -4.36 -4.48 -4.64
C TYR A 192 -5.34 -3.84 -3.68
N PHE A 193 -6.62 -3.97 -4.04
CA PHE A 193 -7.71 -3.33 -3.33
C PHE A 193 -8.69 -4.26 -2.66
N THR A 194 -8.62 -4.34 -1.34
CA THR A 194 -9.55 -5.17 -0.59
C THR A 194 -10.77 -4.30 -0.30
N ARG A 195 -11.95 -4.86 -0.56
CA ARG A 195 -13.19 -4.14 -0.31
C ARG A 195 -13.85 -4.78 0.93
N ILE A 196 -13.99 -4.01 2.00
CA ILE A 196 -14.60 -4.55 3.22
C ILE A 196 -16.07 -4.13 3.21
N ASN A 197 -16.98 -5.08 3.04
CA ASN A 197 -18.41 -4.75 2.97
C ASN A 197 -19.08 -4.45 4.30
N GLY A 198 -18.58 -3.42 4.98
CA GLY A 198 -19.12 -2.98 6.25
C GLY A 198 -18.94 -1.47 6.35
N ALA A 199 -19.86 -0.78 7.05
CA ALA A 199 -19.78 0.67 7.22
C ALA A 199 -19.28 1.00 8.64
N TYR A 200 -18.25 1.82 8.74
CA TYR A 200 -17.68 2.17 10.03
C TYR A 200 -17.34 3.64 9.97
N PRO A 201 -17.19 4.29 11.14
CA PRO A 201 -16.85 5.71 11.17
C PRO A 201 -15.46 5.84 10.53
N CYS A 202 -15.22 6.90 9.77
CA CYS A 202 -13.91 7.06 9.11
C CYS A 202 -13.48 8.51 9.09
N ASP A 203 -12.18 8.79 9.09
CA ASP A 203 -11.75 10.18 9.01
C ASP A 203 -10.64 10.33 7.99
N VAL A 204 -10.23 9.20 7.43
CA VAL A 204 -9.18 9.17 6.40
C VAL A 204 -9.73 8.31 5.24
N PHE A 205 -9.66 8.82 4.01
CA PHE A 205 -10.18 8.09 2.85
C PHE A 205 -9.16 7.95 1.74
N PHE A 206 -9.38 6.95 0.88
CA PHE A 206 -8.51 6.70 -0.25
C PHE A 206 -8.62 7.91 -1.17
N PRO A 207 -7.48 8.47 -1.59
CA PRO A 207 -7.46 9.65 -2.46
C PRO A 207 -8.03 9.37 -3.84
N GLU A 208 -8.57 10.40 -4.47
CA GLU A 208 -9.13 10.23 -5.81
C GLU A 208 -7.99 10.39 -6.79
N PHE A 209 -8.13 9.77 -7.96
CA PHE A 209 -7.11 9.85 -9.00
C PHE A 209 -7.83 9.50 -10.28
N ASP A 210 -7.09 9.55 -11.39
CA ASP A 210 -7.65 9.23 -12.70
C ASP A 210 -7.74 7.70 -12.86
N GLU A 211 -8.91 7.15 -12.60
CA GLU A 211 -9.10 5.71 -12.69
C GLU A 211 -9.07 5.15 -14.12
N SER A 212 -9.21 6.02 -15.13
CA SER A 212 -9.19 5.59 -16.53
C SER A 212 -7.80 5.06 -16.89
N GLU A 213 -6.83 5.36 -16.04
CA GLU A 213 -5.47 4.90 -16.28
C GLU A 213 -5.30 3.40 -15.93
N PHE A 214 -6.26 2.84 -15.20
CA PHE A 214 -6.23 1.43 -14.75
C PHE A 214 -7.38 0.54 -15.24
N ARG A 215 -7.17 -0.77 -15.15
CA ARG A 215 -8.19 -1.74 -15.51
C ARG A 215 -8.13 -2.86 -14.47
N VAL A 216 -9.30 -3.36 -14.09
CA VAL A 216 -9.33 -4.44 -13.11
C VAL A 216 -8.83 -5.70 -13.78
N THR A 217 -7.83 -6.33 -13.19
CA THR A 217 -7.26 -7.50 -13.79
C THR A 217 -7.44 -8.77 -12.99
N SER A 218 -7.99 -8.64 -11.79
CA SER A 218 -8.22 -9.80 -10.94
C SER A 218 -9.38 -9.44 -10.03
N VAL A 219 -10.34 -10.34 -9.96
CA VAL A 219 -11.53 -10.17 -9.11
C VAL A 219 -11.72 -11.53 -8.45
N SER A 220 -11.54 -11.57 -7.12
CA SER A 220 -11.65 -12.81 -6.37
C SER A 220 -13.09 -13.13 -6.06
N GLU A 221 -13.31 -14.35 -5.57
CA GLU A 221 -14.64 -14.78 -5.15
C GLU A 221 -14.92 -13.96 -3.88
N VAL A 222 -16.11 -14.09 -3.32
CA VAL A 222 -16.43 -13.36 -2.08
C VAL A 222 -15.88 -14.10 -0.85
N TYR A 223 -15.50 -13.37 0.20
CA TYR A 223 -15.01 -14.04 1.40
C TYR A 223 -15.80 -13.53 2.58
N ASN A 224 -15.67 -14.23 3.71
CA ASN A 224 -16.45 -13.87 4.87
C ASN A 224 -15.64 -13.80 6.16
N SER A 225 -15.74 -12.67 6.85
CA SER A 225 -15.03 -12.49 8.12
C SER A 225 -16.00 -12.26 9.27
N LYS A 226 -16.32 -13.31 10.03
CA LYS A 226 -17.23 -13.14 11.16
C LYS A 226 -18.56 -12.52 10.76
N GLY A 227 -19.02 -12.82 9.55
CA GLY A 227 -20.28 -12.22 9.14
C GLY A 227 -20.11 -11.07 8.17
N THR A 228 -18.92 -10.47 8.11
CA THR A 228 -18.71 -9.36 7.16
C THR A 228 -18.03 -9.90 5.89
N THR A 229 -18.62 -9.62 4.73
CA THR A 229 -18.03 -10.14 3.51
C THR A 229 -16.97 -9.20 2.95
N LEU A 230 -16.12 -9.70 2.07
CA LEU A 230 -15.09 -8.88 1.52
C LEU A 230 -14.53 -9.59 0.34
N ASP A 231 -13.88 -8.82 -0.53
CA ASP A 231 -13.24 -9.41 -1.68
C ASP A 231 -11.99 -8.65 -2.02
N PHE A 232 -11.22 -9.27 -2.90
CA PHE A 232 -9.92 -8.78 -3.29
C PHE A 232 -9.82 -8.49 -4.79
N LEU A 233 -9.52 -7.24 -5.12
CA LEU A 233 -9.41 -6.83 -6.51
C LEU A 233 -8.02 -6.37 -6.84
N VAL A 234 -7.63 -6.54 -8.08
CA VAL A 234 -6.32 -6.05 -8.46
C VAL A 234 -6.54 -5.23 -9.72
N TYR A 235 -6.02 -4.01 -9.70
CA TYR A 235 -6.12 -3.15 -10.85
C TYR A 235 -4.72 -2.96 -11.39
N SER A 236 -4.60 -3.00 -12.71
CA SER A 236 -3.31 -2.82 -13.34
C SER A 236 -3.34 -1.63 -14.27
N LYS A 237 -2.28 -0.84 -14.23
CA LYS A 237 -2.21 0.34 -15.07
C LYS A 237 -2.26 -0.05 -16.56
N VAL A 238 -2.97 0.75 -17.35
CA VAL A 238 -3.11 0.51 -18.79
C VAL A 238 -1.76 0.65 -19.48
PA NDP B . 0.46 8.19 6.80
O1A NDP B . 0.69 8.35 5.38
O2A NDP B . 0.42 6.88 7.46
O5B NDP B . 1.67 9.03 7.56
C5B NDP B . 1.72 10.42 7.31
C4B NDP B . 3.11 10.81 7.63
O4B NDP B . 4.00 10.02 6.79
C3B NDP B . 3.49 12.18 7.40
O3B NDP B . 2.95 13.16 8.31
C2B NDP B . 4.91 12.15 7.27
O2B NDP B . 5.60 11.99 8.48
C1B NDP B . 5.00 10.95 6.38
N9A NDP B . 5.07 11.20 4.94
C8A NDP B . 4.03 11.21 3.99
N7A NDP B . 4.50 11.48 2.81
C5A NDP B . 5.83 11.64 2.94
C6A NDP B . 6.89 11.95 2.04
N6A NDP B . 6.65 12.12 0.72
N1A NDP B . 8.15 12.05 2.51
C2A NDP B . 8.40 11.87 3.84
N3A NDP B . 7.46 11.59 4.77
C4A NDP B . 6.19 11.49 4.25
O3 NDP B . -0.83 8.97 7.30
PN NDP B . -2.38 8.98 6.99
O1N NDP B . -3.02 9.82 7.98
O2N NDP B . -2.45 9.24 5.55
O5D NDP B . -2.70 7.44 7.20
C5D NDP B . -2.85 6.87 8.53
C4D NDP B . -4.34 6.41 8.65
O4D NDP B . -4.62 5.48 7.61
C3D NDP B . -4.52 5.63 9.93
O3D NDP B . -5.84 5.83 10.44
C2D NDP B . -4.17 4.16 9.59
O2D NDP B . -4.83 3.24 10.45
C1D NDP B . -4.81 4.15 8.12
N1N NDP B . -4.24 3.22 7.11
C2N NDP B . -5.20 2.38 6.48
C3N NDP B . -4.74 1.50 5.44
C7N NDP B . -5.71 0.61 4.74
O7N NDP B . -5.37 -0.15 3.81
N7N NDP B . -7.00 0.60 5.09
C4N NDP B . -3.38 1.50 5.10
C5N NDP B . -2.43 2.32 5.75
C6N NDP B . -2.87 3.18 6.75
P2B NDP B . 6.33 13.15 9.21
O1X NDP B . 7.15 13.78 8.19
O2X NDP B . 5.28 14.05 9.81
O3X NDP B . 7.19 12.47 10.29
N1 CP6 C . -3.77 -3.35 2.80
C2 CP6 C . -4.64 -4.33 3.23
C3 CP6 C . -3.05 -2.61 3.77
C4 CP6 C . -3.21 -2.83 5.23
C5 CP6 C . -4.18 -3.94 5.54
N6 CP6 C . -4.85 -4.64 4.57
C7 CP6 C . -2.50 -2.04 6.25
C8 CP6 C . -1.04 -2.11 6.40
C9 CP6 C . -0.31 -1.34 7.38
C10 CP6 C . -1.00 -0.49 8.24
C11 CP6 C . -2.46 -0.38 8.13
C12 CP6 C . -3.18 -1.15 7.14
N13 CP6 C . -2.20 -1.66 3.37
N14 CP6 C . -5.38 -5.06 2.28
C15 CP6 C . -4.44 -4.32 6.98
C16 CP6 C . -3.87 -5.66 7.42
CL1 CP6 C . -0.25 0.40 9.40
#